data_6NFL
#
_entry.id   6NFL
#
_cell.length_a   50.650
_cell.length_b   50.650
_cell.length_c   149.250
_cell.angle_alpha   90.00
_cell.angle_beta   90.00
_cell.angle_gamma   90.00
#
_symmetry.space_group_name_H-M   'P 41 21 2'
#
loop_
_entity.id
_entity.type
_entity.pdbx_description
1 polymer 'DNA dC->dU-editing enzyme APOBEC-3B'
2 non-polymer 1,3-diazinan-2-one
3 non-polymer pyrimidin-2-ol
4 non-polymer 'CHLORIDE ION'
5 non-polymer 1,2-ETHANEDIOL
6 water water
#
_entity_poly.entity_id   1
_entity_poly.type   'polypeptide(L)'
_entity_poly.pdbx_seq_one_letter_code
;MEILRYLMDPDTFTSNFNNDPLVLRRRQTYLCYEVERLDNGTSVKMDQHMGFLCNESGRHAELRFLDLVPSLQLDPAQIY
RVTWFISWSPCFSWGCAGEVRAFLQENTHVRLRIKAARIYDDQGRCQEALQMLRDAGAQVSIMTYDEFEYCWDTFVYRQG
CPFQPWDGLEEHSQALSGRLRAILQLEHHHHHH
;
_entity_poly.pdbx_strand_id   A
#
loop_
_chem_comp.id
_chem_comp.type
_chem_comp.name
_chem_comp.formula
71O non-polymer pyrimidin-2-ol 'C4 H4 N2 O'
CL non-polymer 'CHLORIDE ION' 'Cl -1'
EDO non-polymer 1,2-ETHANEDIOL 'C2 H6 O2'
L60 non-polymer 1,3-diazinan-2-one 'C4 H8 N2 O'
#
# COMPACT_ATOMS: atom_id res chain seq x y z
N ARG A 5 15.15 -7.86 -6.70
CA ARG A 5 13.79 -8.21 -6.30
C ARG A 5 13.06 -8.90 -7.46
N TYR A 6 12.09 -9.73 -7.12
CA TYR A 6 11.26 -10.38 -8.14
C TYR A 6 10.21 -9.39 -8.63
N LEU A 7 10.04 -9.30 -9.95
CA LEU A 7 9.13 -8.34 -10.54
C LEU A 7 7.81 -8.99 -10.92
N MET A 8 6.73 -8.24 -10.72
CA MET A 8 5.37 -8.76 -10.85
C MET A 8 4.96 -8.91 -12.31
N ASP A 9 4.18 -9.94 -12.57
CA ASP A 9 3.60 -10.10 -13.89
C ASP A 9 2.75 -8.88 -14.23
N PRO A 10 2.87 -8.34 -15.44
CA PRO A 10 2.16 -7.07 -15.76
C PRO A 10 0.65 -7.22 -15.79
N ASP A 11 0.11 -8.35 -16.26
CA ASP A 11 -1.33 -8.54 -16.26
C ASP A 11 -1.86 -8.70 -14.84
N THR A 12 -1.08 -9.31 -13.95
CA THR A 12 -1.45 -9.39 -12.55
C THR A 12 -1.53 -7.99 -11.95
N PHE A 13 -0.57 -7.12 -12.28
CA PHE A 13 -0.63 -5.75 -11.78
C PHE A 13 -1.89 -5.05 -12.27
N THR A 14 -2.13 -5.09 -13.58
CA THR A 14 -3.25 -4.33 -14.15
C THR A 14 -4.58 -4.83 -13.60
N SER A 15 -4.73 -6.15 -13.50
CA SER A 15 -5.98 -6.73 -13.04
C SER A 15 -6.27 -6.37 -11.59
N ASN A 16 -5.24 -6.33 -10.75
CA ASN A 16 -5.48 -6.13 -9.33
C ASN A 16 -5.52 -4.66 -8.95
N PHE A 17 -4.72 -3.82 -9.60
CA PHE A 17 -4.69 -2.41 -9.20
C PHE A 17 -5.73 -1.56 -9.92
N ASN A 18 -6.43 -2.12 -10.92
CA ASN A 18 -7.61 -1.49 -11.50
C ASN A 18 -8.51 -0.92 -10.41
N ASN A 19 -8.80 0.38 -10.49
CA ASN A 19 -9.54 1.08 -9.45
C ASN A 19 -11.00 1.34 -9.83
N ASP A 20 -11.53 0.63 -10.82
CA ASP A 20 -12.93 0.71 -11.22
C ASP A 20 -13.83 0.35 -10.05
N PRO A 21 -14.62 1.30 -9.52
CA PRO A 21 -15.45 0.97 -8.36
C PRO A 21 -16.55 -0.04 -8.66
N LEU A 22 -16.88 -0.27 -9.93
CA LEU A 22 -17.92 -1.23 -10.28
C LEU A 22 -17.40 -2.67 -10.34
N VAL A 23 -16.10 -2.86 -10.23
CA VAL A 23 -15.51 -4.21 -10.20
C VAL A 23 -15.04 -4.47 -8.78
N LEU A 24 -15.59 -5.52 -8.15
CA LEU A 24 -15.32 -5.83 -6.75
C LEU A 24 -14.91 -7.30 -6.62
N ARG A 25 -13.72 -7.61 -7.13
CA ARG A 25 -13.18 -8.96 -7.02
C ARG A 25 -12.89 -9.28 -5.56
N ARG A 26 -13.17 -10.52 -5.15
CA ARG A 26 -13.18 -10.87 -3.74
C ARG A 26 -12.16 -11.94 -3.38
N ARG A 27 -10.94 -11.83 -3.92
CA ARG A 27 -9.94 -12.85 -3.71
C ARG A 27 -8.62 -12.29 -3.17
N GLN A 28 -7.99 -11.36 -3.88
CA GLN A 28 -6.59 -11.09 -3.68
C GLN A 28 -6.36 -9.64 -3.32
N THR A 29 -5.25 -9.42 -2.62
CA THR A 29 -4.69 -8.11 -2.34
C THR A 29 -3.22 -8.19 -2.70
N TYR A 30 -2.76 -7.26 -3.51
CA TYR A 30 -1.33 -7.12 -3.76
C TYR A 30 -0.82 -5.88 -3.03
N LEU A 31 0.37 -6.03 -2.45
CA LEU A 31 0.99 -5.00 -1.62
C LEU A 31 2.43 -4.86 -2.10
N CYS A 32 2.72 -3.77 -2.80
CA CYS A 32 4.10 -3.42 -3.14
C CYS A 32 4.66 -2.59 -1.99
N TYR A 33 5.87 -2.92 -1.56
CA TYR A 33 6.44 -2.22 -0.42
C TYR A 33 7.83 -1.72 -0.74
N GLU A 34 8.18 -0.60 -0.10
CA GLU A 34 9.55 -0.11 -0.09
C GLU A 34 9.80 0.49 1.28
N VAL A 35 11.03 0.32 1.75
CA VAL A 35 11.48 0.89 3.01
C VAL A 35 12.59 1.89 2.68
N GLU A 36 12.43 3.11 3.19
CA GLU A 36 13.41 4.17 2.97
C GLU A 36 13.92 4.62 4.34
N ARG A 37 15.24 4.75 4.46
CA ARG A 37 15.84 5.36 5.64
C ARG A 37 15.93 6.87 5.39
N LEU A 38 15.41 7.65 6.34
CA LEU A 38 15.41 9.10 6.23
C LEU A 38 16.62 9.66 6.98
N ASP A 39 17.50 10.34 6.25
CA ASP A 39 18.79 10.73 6.81
C ASP A 39 19.34 11.92 6.03
N ASN A 40 19.74 12.96 6.75
CA ASN A 40 20.47 14.09 6.20
C ASN A 40 19.73 14.76 5.05
N GLY A 41 18.40 14.74 5.10
CA GLY A 41 17.61 15.41 4.09
C GLY A 41 17.30 14.60 2.85
N THR A 42 17.71 13.34 2.81
CA THR A 42 17.38 12.48 1.68
C THR A 42 16.76 11.20 2.19
N SER A 43 16.40 10.32 1.26
N SER A 43 16.40 10.33 1.25
CA SER A 43 15.82 9.02 1.57
CA SER A 43 15.81 9.02 1.53
C SER A 43 16.64 7.94 0.90
C SER A 43 16.70 7.97 0.89
N VAL A 44 17.01 6.93 1.66
CA VAL A 44 17.92 5.87 1.20
C VAL A 44 17.12 4.58 1.13
N LYS A 45 17.02 4.00 -0.06
CA LYS A 45 16.25 2.79 -0.30
C LYS A 45 17.19 1.70 -0.76
N MET A 46 16.93 0.48 -0.31
CA MET A 46 17.68 -0.70 -0.70
C MET A 46 16.78 -1.64 -1.48
N ASP A 47 17.29 -2.16 -2.59
CA ASP A 47 16.53 -3.11 -3.39
C ASP A 47 16.06 -4.30 -2.56
N GLN A 48 16.88 -4.72 -1.59
CA GLN A 48 16.48 -5.83 -0.74
C GLN A 48 15.37 -5.46 0.23
N HIS A 49 15.04 -4.17 0.35
CA HIS A 49 13.90 -3.72 1.14
C HIS A 49 12.71 -3.37 0.26
N MET A 50 12.62 -4.00 -0.92
CA MET A 50 11.55 -3.71 -1.86
C MET A 50 11.03 -5.01 -2.44
N GLY A 51 9.76 -5.02 -2.78
CA GLY A 51 9.16 -6.21 -3.35
C GLY A 51 7.64 -6.10 -3.27
N PHE A 52 6.99 -7.25 -3.47
CA PHE A 52 5.55 -7.29 -3.36
C PHE A 52 5.12 -8.60 -2.70
N LEU A 53 3.92 -8.54 -2.13
CA LEU A 53 3.29 -9.64 -1.41
C LEU A 53 1.83 -9.73 -1.82
N CYS A 54 1.28 -10.93 -1.74
CA CYS A 54 -0.17 -11.11 -1.88
C CYS A 54 -0.68 -11.90 -0.68
N ASN A 55 -2.01 -12.06 -0.61
CA ASN A 55 -2.58 -12.95 0.40
C ASN A 55 -2.18 -14.39 0.09
N GLU A 56 -1.87 -15.17 1.12
CA GLU A 56 -1.51 -16.56 0.90
C GLU A 56 -2.18 -17.44 1.96
N SER A 57 -3.09 -18.30 1.48
CA SER A 57 -3.79 -19.27 2.31
C SER A 57 -4.30 -18.63 3.60
N GLY A 58 -5.12 -17.59 3.41
CA GLY A 58 -5.79 -16.95 4.51
C GLY A 58 -4.98 -15.95 5.30
N ARG A 59 -3.68 -15.84 5.05
CA ARG A 59 -2.86 -14.84 5.72
C ARG A 59 -2.73 -13.63 4.81
N HIS A 60 -3.26 -12.50 5.24
CA HIS A 60 -3.39 -11.35 4.36
C HIS A 60 -2.06 -10.63 4.18
N ALA A 61 -1.92 -10.00 3.01
CA ALA A 61 -0.66 -9.41 2.60
C ALA A 61 -0.13 -8.46 3.66
N GLU A 62 -1.00 -7.67 4.28
CA GLU A 62 -0.55 -6.73 5.31
C GLU A 62 0.16 -7.44 6.44
N LEU A 63 -0.41 -8.55 6.91
CA LEU A 63 0.24 -9.32 7.97
C LEU A 63 1.50 -10.01 7.46
N ARG A 64 1.50 -10.44 6.19
CA ARG A 64 2.73 -11.04 5.66
C ARG A 64 3.85 -10.01 5.61
N PHE A 65 3.52 -8.74 5.40
CA PHE A 65 4.57 -7.72 5.50
C PHE A 65 5.10 -7.62 6.93
N LEU A 66 4.19 -7.52 7.91
CA LEU A 66 4.64 -7.50 9.30
C LEU A 66 5.54 -8.68 9.60
N ASP A 67 5.18 -9.86 9.07
CA ASP A 67 5.97 -11.06 9.32
C ASP A 67 7.41 -10.92 8.87
N LEU A 68 7.66 -10.18 7.78
CA LEU A 68 9.02 -10.13 7.26
C LEU A 68 9.84 -9.00 7.84
N VAL A 69 9.26 -8.17 8.71
CA VAL A 69 10.00 -7.01 9.21
C VAL A 69 11.28 -7.43 9.92
N PRO A 70 11.29 -8.42 10.81
CA PRO A 70 12.57 -8.82 11.42
C PRO A 70 13.66 -9.12 10.41
N SER A 71 13.30 -9.78 9.29
CA SER A 71 14.28 -10.08 8.27
C SER A 71 14.85 -8.83 7.61
N LEU A 72 14.17 -7.70 7.74
CA LEU A 72 14.69 -6.47 7.14
C LEU A 72 15.86 -5.90 7.93
N GLN A 73 16.04 -6.30 9.18
CA GLN A 73 17.18 -5.86 9.99
C GLN A 73 17.24 -4.33 10.05
N LEU A 74 16.12 -3.72 10.45
CA LEU A 74 16.09 -2.27 10.58
C LEU A 74 16.82 -1.84 11.84
N ASP A 75 17.59 -0.77 11.72
CA ASP A 75 18.32 -0.19 12.83
C ASP A 75 17.36 0.62 13.71
N PRO A 76 17.06 0.16 14.92
CA PRO A 76 16.11 0.91 15.76
C PRO A 76 16.57 2.33 16.07
N ALA A 77 17.86 2.64 15.88
CA ALA A 77 18.34 4.00 16.10
C ALA A 77 18.10 4.92 14.91
N GLN A 78 17.60 4.39 13.80
CA GLN A 78 17.35 5.19 12.60
C GLN A 78 15.85 5.40 12.44
N ILE A 79 15.51 6.26 11.49
CA ILE A 79 14.12 6.54 11.12
C ILE A 79 13.88 5.96 9.74
N TYR A 80 12.80 5.18 9.62
CA TYR A 80 12.43 4.59 8.35
C TYR A 80 11.01 4.98 7.98
N ARG A 81 10.80 5.21 6.69
CA ARG A 81 9.46 5.33 6.13
C ARG A 81 9.19 4.06 5.32
N VAL A 82 8.15 3.32 5.72
CA VAL A 82 7.66 2.18 4.96
C VAL A 82 6.50 2.66 4.12
N THR A 83 6.54 2.42 2.81
CA THR A 83 5.42 2.72 1.94
C THR A 83 4.81 1.42 1.43
N TRP A 84 3.49 1.32 1.54
CA TRP A 84 2.71 0.26 0.93
C TRP A 84 1.91 0.84 -0.23
N PHE A 85 2.02 0.22 -1.40
CA PHE A 85 1.09 0.46 -2.52
C PHE A 85 0.20 -0.78 -2.58
N ILE A 86 -1.05 -0.64 -2.17
CA ILE A 86 -1.91 -1.79 -1.90
C ILE A 86 -3.14 -1.72 -2.79
N SER A 87 -3.51 -2.86 -3.37
CA SER A 87 -4.52 -2.90 -4.43
C SER A 87 -5.94 -2.95 -3.89
N TRP A 88 -6.12 -3.12 -2.59
CA TRP A 88 -7.44 -3.23 -1.98
C TRP A 88 -7.46 -2.34 -0.75
N SER A 89 -8.64 -2.11 -0.22
CA SER A 89 -8.80 -1.32 0.98
C SER A 89 -7.88 -1.84 2.08
N PRO A 90 -7.00 -1.01 2.63
CA PRO A 90 -6.05 -1.53 3.63
C PRO A 90 -6.75 -2.05 4.87
N CYS A 91 -6.31 -3.22 5.33
CA CYS A 91 -6.81 -3.81 6.57
C CYS A 91 -8.30 -4.12 6.48
N PHE A 92 -8.74 -4.45 5.28
CA PHE A 92 -10.09 -4.94 5.02
C PHE A 92 -10.45 -6.11 5.93
N SER A 93 -9.49 -6.99 6.22
CA SER A 93 -9.79 -8.24 6.89
C SER A 93 -9.85 -8.06 8.41
N TRP A 94 -10.56 -8.98 9.05
CA TRP A 94 -10.81 -8.89 10.49
C TRP A 94 -9.51 -8.83 11.28
N GLY A 95 -9.45 -7.90 12.23
CA GLY A 95 -8.32 -7.78 13.13
C GLY A 95 -7.06 -7.18 12.54
N CYS A 96 -7.04 -6.89 11.24
CA CYS A 96 -5.81 -6.47 10.59
C CYS A 96 -5.32 -5.13 11.12
N ALA A 97 -6.22 -4.15 11.25
CA ALA A 97 -5.77 -2.83 11.70
C ALA A 97 -5.19 -2.91 13.11
N GLY A 98 -5.78 -3.73 13.97
CA GLY A 98 -5.26 -3.86 15.32
C GLY A 98 -3.85 -4.40 15.34
N GLU A 99 -3.53 -5.31 14.41
CA GLU A 99 -2.18 -5.86 14.36
C GLU A 99 -1.19 -4.85 13.81
N VAL A 100 -1.61 -4.03 12.86
CA VAL A 100 -0.73 -2.98 12.38
C VAL A 100 -0.52 -1.93 13.46
N ARG A 101 -1.58 -1.56 14.17
CA ARG A 101 -1.44 -0.60 15.27
C ARG A 101 -0.40 -1.10 16.27
N ALA A 102 -0.53 -2.36 16.70
CA ALA A 102 0.41 -2.91 17.67
C ALA A 102 1.84 -2.85 17.15
N PHE A 103 2.02 -3.13 15.86
CA PHE A 103 3.36 -3.07 15.28
C PHE A 103 3.90 -1.64 15.33
N LEU A 104 3.08 -0.66 14.96
CA LEU A 104 3.56 0.72 14.94
C LEU A 104 3.87 1.21 16.35
N GLN A 105 3.08 0.79 17.34
CA GLN A 105 3.36 1.21 18.71
C GLN A 105 4.65 0.60 19.24
N GLU A 106 5.01 -0.59 18.76
CA GLU A 106 6.20 -1.29 19.22
C GLU A 106 7.43 -0.98 18.37
N ASN A 107 7.28 -0.16 17.33
CA ASN A 107 8.36 0.18 16.43
C ASN A 107 8.22 1.67 16.06
N THR A 108 8.50 2.54 17.02
CA THR A 108 8.31 3.97 16.81
C THR A 108 9.33 4.55 15.83
N HIS A 109 10.34 3.78 15.44
CA HIS A 109 11.29 4.18 14.41
C HIS A 109 10.74 3.94 13.00
N VAL A 110 9.53 3.41 12.88
CA VAL A 110 8.90 3.15 11.59
C VAL A 110 7.75 4.13 11.41
N ARG A 111 7.71 4.78 10.24
CA ARG A 111 6.57 5.58 9.82
C ARG A 111 5.96 4.89 8.60
N LEU A 112 4.66 4.64 8.67
CA LEU A 112 3.97 3.88 7.64
C LEU A 112 3.15 4.80 6.74
N ARG A 113 3.40 4.71 5.45
N ARG A 113 3.32 4.64 5.43
CA ARG A 113 2.61 5.39 4.43
CA ARG A 113 2.61 5.40 4.41
C ARG A 113 1.87 4.32 3.64
C ARG A 113 1.90 4.42 3.50
N ILE A 114 0.59 4.54 3.39
CA ILE A 114 -0.25 3.57 2.70
C ILE A 114 -0.91 4.30 1.55
N LYS A 115 -0.60 3.89 0.33
CA LYS A 115 -1.24 4.39 -0.88
C LYS A 115 -2.13 3.27 -1.42
N ALA A 116 -3.45 3.49 -1.41
CA ALA A 116 -4.40 2.44 -1.72
C ALA A 116 -5.04 2.69 -3.09
N ALA A 117 -5.11 1.63 -3.91
CA ALA A 117 -5.79 1.76 -5.19
C ALA A 117 -7.27 2.06 -5.00
N ARG A 118 -7.83 1.62 -3.88
CA ARG A 118 -9.23 1.88 -3.59
C ARG A 118 -9.44 1.67 -2.10
N ILE A 119 -10.64 2.04 -1.65
CA ILE A 119 -11.12 1.68 -0.32
C ILE A 119 -12.48 1.03 -0.47
N TYR A 120 -12.95 0.46 0.64
CA TYR A 120 -14.21 -0.26 0.70
C TYR A 120 -15.04 0.43 1.77
N ASP A 121 -15.83 1.42 1.38
CA ASP A 121 -16.61 2.19 2.35
C ASP A 121 -17.90 1.43 2.66
N ASP A 122 -17.85 0.65 3.73
CA ASP A 122 -19.01 -0.10 4.21
C ASP A 122 -19.75 0.63 5.33
N GLN A 123 -19.37 1.87 5.64
CA GLN A 123 -19.95 2.62 6.76
C GLN A 123 -19.98 1.75 8.01
N GLY A 124 -18.93 0.94 8.17
CA GLY A 124 -18.82 0.01 9.28
C GLY A 124 -17.38 -0.39 9.53
N ARG A 125 -17.14 -1.70 9.64
CA ARG A 125 -15.85 -2.19 10.12
C ARG A 125 -14.71 -1.80 9.20
N CYS A 126 -14.87 -1.96 7.88
CA CYS A 126 -13.78 -1.65 6.97
C CYS A 126 -13.48 -0.16 6.96
N GLN A 127 -14.51 0.67 7.08
CA GLN A 127 -14.31 2.10 7.22
C GLN A 127 -13.58 2.43 8.51
N GLU A 128 -13.95 1.76 9.61
CA GLU A 128 -13.32 2.02 10.89
C GLU A 128 -11.86 1.59 10.90
N ALA A 129 -11.51 0.55 10.13
CA ALA A 129 -10.13 0.14 10.02
C ALA A 129 -9.27 1.27 9.46
N LEU A 130 -9.81 2.05 8.54
CA LEU A 130 -9.05 3.17 7.98
C LEU A 130 -8.73 4.19 9.08
N GLN A 131 -9.72 4.53 9.89
CA GLN A 131 -9.50 5.48 10.98
C GLN A 131 -8.52 4.93 12.01
N MET A 132 -8.56 3.60 12.25
CA MET A 132 -7.62 3.01 13.19
C MET A 132 -6.20 3.13 12.70
N LEU A 133 -5.97 2.92 11.40
CA LEU A 133 -4.64 3.08 10.83
C LEU A 133 -4.16 4.52 11.00
N ARG A 134 -4.99 5.50 10.65
CA ARG A 134 -4.63 6.89 10.85
C ARG A 134 -4.28 7.18 12.31
N ASP A 135 -5.16 6.73 13.22
CA ASP A 135 -4.94 7.01 14.64
C ASP A 135 -3.63 6.41 15.13
N ALA A 136 -3.20 5.30 14.53
CA ALA A 136 -1.92 4.69 14.90
C ALA A 136 -0.73 5.39 14.27
N GLY A 137 -0.95 6.41 13.45
CA GLY A 137 0.13 7.18 12.86
C GLY A 137 0.37 6.94 11.39
N ALA A 138 -0.33 6.00 10.77
CA ALA A 138 -0.16 5.77 9.34
C ALA A 138 -0.76 6.92 8.54
N GLN A 139 -0.12 7.25 7.42
CA GLN A 139 -0.62 8.22 6.47
C GLN A 139 -1.26 7.45 5.33
N VAL A 140 -2.58 7.55 5.19
CA VAL A 140 -3.33 6.77 4.22
C VAL A 140 -3.90 7.70 3.16
N SER A 141 -3.66 7.35 1.89
CA SER A 141 -4.16 8.14 0.78
C SER A 141 -4.41 7.21 -0.40
N ILE A 142 -5.05 7.76 -1.43
CA ILE A 142 -5.45 6.98 -2.59
C ILE A 142 -4.37 7.09 -3.65
N MET A 143 -4.15 5.99 -4.38
CA MET A 143 -3.21 6.00 -5.48
C MET A 143 -3.77 6.85 -6.63
N THR A 144 -2.94 7.75 -7.15
CA THR A 144 -3.25 8.49 -8.35
C THR A 144 -2.43 7.92 -9.51
N TYR A 145 -2.62 8.50 -10.70
N TYR A 145 -2.63 8.49 -10.70
CA TYR A 145 -1.83 8.12 -11.88
CA TYR A 145 -1.82 8.07 -11.85
C TYR A 145 -0.34 8.07 -11.54
C TYR A 145 -0.35 8.00 -11.46
N ASP A 146 0.12 8.99 -10.71
CA ASP A 146 1.54 9.06 -10.34
C ASP A 146 1.98 7.77 -9.68
N GLU A 147 1.19 7.29 -8.71
CA GLU A 147 1.56 6.08 -7.97
C GLU A 147 1.38 4.83 -8.83
N PHE A 148 0.31 4.75 -9.61
CA PHE A 148 0.15 3.59 -10.49
C PHE A 148 1.34 3.48 -11.43
N GLU A 149 1.75 4.59 -12.04
N GLU A 149 1.72 4.60 -12.05
CA GLU A 149 2.86 4.54 -12.99
CA GLU A 149 2.86 4.60 -12.98
C GLU A 149 4.17 4.24 -12.28
C GLU A 149 4.15 4.23 -12.26
N TYR A 150 4.36 4.79 -11.07
CA TYR A 150 5.56 4.46 -10.31
C TYR A 150 5.61 2.98 -10.01
N CYS A 151 4.49 2.39 -9.62
CA CYS A 151 4.46 0.97 -9.32
C CYS A 151 4.73 0.14 -10.57
N TRP A 152 4.14 0.53 -11.70
CA TRP A 152 4.43 -0.13 -12.96
C TRP A 152 5.94 -0.06 -13.26
N ASP A 153 6.53 1.11 -13.10
CA ASP A 153 7.93 1.29 -13.44
C ASP A 153 8.84 0.55 -12.48
N THR A 154 8.40 0.34 -11.24
CA THR A 154 9.28 -0.08 -10.16
C THR A 154 9.13 -1.55 -9.79
N PHE A 155 7.91 -2.07 -9.75
CA PHE A 155 7.65 -3.39 -9.21
C PHE A 155 7.23 -4.41 -10.26
N VAL A 156 6.99 -3.99 -11.50
CA VAL A 156 6.40 -4.84 -12.52
C VAL A 156 7.44 -5.20 -13.57
N TYR A 157 7.32 -6.42 -14.09
CA TYR A 157 8.16 -6.90 -15.19
C TYR A 157 7.58 -6.32 -16.48
N ARG A 158 7.98 -5.09 -16.77
CA ARG A 158 7.37 -4.32 -17.86
C ARG A 158 8.21 -4.32 -19.13
N GLN A 159 9.48 -4.71 -19.06
CA GLN A 159 10.35 -4.78 -20.23
C GLN A 159 10.42 -3.42 -20.95
N GLY A 160 10.60 -2.37 -20.17
CA GLY A 160 10.72 -1.04 -20.73
C GLY A 160 9.47 -0.49 -21.36
N CYS A 161 8.35 -1.19 -21.29
N CYS A 161 8.33 -1.20 -21.29
CA CYS A 161 7.11 -0.67 -21.86
CA CYS A 161 7.09 -0.69 -21.85
C CYS A 161 6.48 0.35 -20.92
C CYS A 161 6.47 0.34 -20.91
N PRO A 162 5.93 1.44 -21.45
CA PRO A 162 5.35 2.48 -20.58
C PRO A 162 4.02 2.05 -20.00
N PHE A 163 3.70 2.65 -18.85
CA PHE A 163 2.42 2.44 -18.21
C PHE A 163 1.30 2.88 -19.16
N GLN A 164 0.30 2.02 -19.32
CA GLN A 164 -0.87 2.32 -20.12
C GLN A 164 -2.08 2.41 -19.20
N PRO A 165 -2.63 3.60 -18.96
CA PRO A 165 -3.73 3.69 -17.99
C PRO A 165 -5.00 3.06 -18.55
N TRP A 166 -5.82 2.55 -17.64
CA TRP A 166 -7.15 2.08 -18.01
C TRP A 166 -8.10 3.27 -18.06
N ASP A 167 -9.21 3.08 -18.78
CA ASP A 167 -10.23 4.12 -18.86
C ASP A 167 -10.70 4.50 -17.46
N GLY A 168 -10.91 5.79 -17.25
CA GLY A 168 -11.46 6.28 -16.00
C GLY A 168 -10.52 6.29 -14.82
N LEU A 169 -9.23 5.98 -15.02
CA LEU A 169 -8.31 5.90 -13.89
C LEU A 169 -8.38 7.16 -13.02
N GLU A 170 -8.25 8.34 -13.63
CA GLU A 170 -8.20 9.56 -12.85
C GLU A 170 -9.56 9.85 -12.21
N GLU A 171 -10.65 9.66 -12.95
CA GLU A 171 -11.98 9.91 -12.39
C GLU A 171 -12.22 9.02 -11.18
N HIS A 172 -11.87 7.74 -11.27
CA HIS A 172 -12.05 6.82 -10.16
C HIS A 172 -11.18 7.20 -8.97
N SER A 173 -9.92 7.55 -9.25
CA SER A 173 -9.00 7.93 -8.18
C SER A 173 -9.51 9.16 -7.42
N GLN A 174 -9.98 10.17 -8.14
CA GLN A 174 -10.45 11.38 -7.48
C GLN A 174 -11.70 11.11 -6.66
N ALA A 175 -12.59 10.24 -7.16
CA ALA A 175 -13.81 9.93 -6.42
C ALA A 175 -13.49 9.16 -5.14
N LEU A 176 -12.63 8.14 -5.25
CA LEU A 176 -12.23 7.38 -4.08
C LEU A 176 -11.52 8.27 -3.07
N SER A 177 -10.65 9.15 -3.56
CA SER A 177 -9.91 10.06 -2.70
C SER A 177 -10.84 10.97 -1.92
N GLY A 178 -11.87 11.49 -2.57
CA GLY A 178 -12.85 12.30 -1.87
C GLY A 178 -13.49 11.56 -0.71
N ARG A 179 -13.78 10.28 -0.91
CA ARG A 179 -14.41 9.50 0.15
C ARG A 179 -13.43 9.15 1.25
N LEU A 180 -12.21 8.74 0.88
CA LEU A 180 -11.21 8.46 1.91
C LEU A 180 -10.93 9.70 2.74
N ARG A 181 -10.81 10.87 2.09
CA ARG A 181 -10.54 12.11 2.82
C ARG A 181 -11.69 12.46 3.75
N ALA A 182 -12.93 12.25 3.32
CA ALA A 182 -14.06 12.49 4.22
C ALA A 182 -13.99 11.56 5.42
N ILE A 183 -13.64 10.29 5.19
CA ILE A 183 -13.58 9.32 6.29
C ILE A 183 -12.49 9.73 7.28
N LEU A 184 -11.36 10.19 6.79
CA LEU A 184 -10.20 10.47 7.63
C LEU A 184 -10.11 11.92 8.08
N GLN A 185 -11.08 12.76 7.69
CA GLN A 185 -11.04 14.17 8.07
C GLN A 185 -10.96 14.35 9.58
N LEU A 186 -10.15 15.32 10.00
CA LEU A 186 -10.15 15.71 11.40
C LEU A 186 -10.32 17.21 11.58
O L60 B . -8.04 -9.50 0.70
C L60 B . -9.05 -9.29 0.01
N1 L60 B . -8.91 -8.66 -1.20
C3 L60 B . -9.98 -8.40 -1.99
C2 L60 B . -11.22 -8.76 -1.59
C1 L60 B . -11.34 -9.40 -0.38
N L60 B . -10.30 -9.66 0.41
H1 L60 B . -8.09 -8.41 -1.47
H2 L60 B . -9.85 -7.96 -2.83
H4 L60 B . -11.96 -8.58 -2.14
H6 L60 B . -12.20 -9.65 -0.10
CAB 71O C . 4.36 8.11 -4.46
CAC 71O C . 4.54 8.40 -5.81
CAD 71O C . 5.77 8.12 -6.40
CAF 71O C . 6.59 7.27 -4.33
NAA 71O C . 5.42 7.54 -3.74
NAE 71O C . 6.79 7.55 -5.63
OAG 71O C . 7.60 6.72 -3.61
HAB 71O C . 3.41 8.32 -3.97
HAC 71O C . 3.73 8.85 -6.38
HAD 71O C . 5.93 8.35 -7.45
HAG 71O C . 8.41 6.59 -4.20
CL CL D . -6.49 10.59 -0.67
C1 EDO E . 6.23 10.01 -16.11
O1 EDO E . 5.94 9.38 -17.36
C2 EDO E . 7.28 9.21 -15.34
O2 EDO E . 8.58 9.48 -15.86
H11 EDO E . 6.59 11.02 -16.28
H12 EDO E . 5.32 10.08 -15.51
HO1 EDO E . 5.27 9.89 -17.83
H21 EDO E . 7.25 9.48 -14.28
H22 EDO E . 7.07 8.15 -15.42
HO2 EDO E . 9.25 8.99 -15.36
C1 EDO F . -2.05 12.77 -10.43
O1 EDO F . -2.76 13.28 -9.30
C2 EDO F . -2.74 13.22 -11.71
O2 EDO F . -2.68 14.65 -11.82
H11 EDO F . -1.02 13.13 -10.42
H12 EDO F . -2.02 11.68 -10.39
HO1 EDO F . -2.32 13.00 -8.48
H21 EDO F . -2.25 12.76 -12.57
H22 EDO F . -3.78 12.89 -11.70
HO2 EDO F . -3.24 14.94 -12.56
C1 EDO G . -8.69 19.29 13.74
O1 EDO G . -9.15 20.25 12.78
C2 EDO G . -9.79 18.98 14.74
O2 EDO G . -11.02 18.74 14.05
H11 EDO G . -8.40 18.37 13.22
H12 EDO G . -7.81 19.67 14.26
HO1 EDO G . -8.43 20.46 12.17
H21 EDO G . -9.53 18.11 15.34
H22 EDO G . -9.91 19.83 15.42
HO2 EDO G . -11.72 18.57 14.68
#